data_8TUU
#
_entry.id   8TUU
#
_cell.length_a   77.390
_cell.length_b   90.067
_cell.length_c   100.146
_cell.angle_alpha   90.000
_cell.angle_beta   90.000
_cell.angle_gamma   90.000
#
_symmetry.space_group_name_H-M   'P 21 21 21'
#
loop_
_entity.id
_entity.type
_entity.pdbx_description
1 polymer 'Importin subunit alpha-1'
2 polymer 'Large T-antigen'
3 water water
#
loop_
_entity_poly.entity_id
_entity_poly.type
_entity_poly.pdbx_seq_one_letter_code
_entity_poly.pdbx_strand_id
1 'polypeptide(L)'
;MHHHHHHSSGLVPRGSGMLETAAALFERNHMDSPDLGTDDDDLAMADIGSNQGTVNWSVEDIVKGINSNNLESQLQATQA
ARKLLSREKQPPIDNIIRAGLIPKFVSFLGKTDCSPIQFESAWALTNIASGTSEQTKAVVDGGAIPAFISLLASPHAHIS
EQAVWALGNIAGDGSAFRDLVIKHGAIDPLLALLAVPDLSTLACGYLRNLTWTLSNLCRNKNPAPPLDAVEQILPTLVRL
LHHNDPEVLADSCWAISYLTDGPNERIEMVVKKGVVPQLVKLLGATELPIVTPALRAIGNIVTGTDEQTQKVIDAGALAV
FPSLLTNPKTNIQKEATWTMSNITAGRQDQIQQVVNHGLVPFLVGVLSKADFKTQKEAAWAITNYTSGGTVEQIVYLVHC
GIIEPLMNLLSAKDTKIIQVILDAISNIFQAAEKLGETEKLSIMIEECGGLDKIEALQRHENESVYKASLNLIEKYFSVE
EEEDQNVVPETTSEGFAFQVQDGAPGTFNF
;
A
2 'polypeptide(L)' PKKRPRESSSNSTCTPPKRPRNF B
#
# COMPACT_ATOMS: atom_id res chain seq x y z
N GLY A 53 -7.05 6.95 -41.43
CA GLY A 53 -7.82 5.91 -42.10
C GLY A 53 -8.93 5.36 -41.23
N THR A 54 -8.58 4.96 -40.00
CA THR A 54 -9.53 4.45 -39.03
C THR A 54 -9.74 5.41 -37.87
N VAL A 55 -9.57 6.70 -38.12
CA VAL A 55 -9.62 7.72 -37.07
C VAL A 55 -10.97 8.44 -37.14
N ASN A 56 -11.49 8.81 -35.98
CA ASN A 56 -12.75 9.54 -35.86
C ASN A 56 -13.88 8.80 -36.57
N TRP A 57 -14.04 7.53 -36.24
CA TRP A 57 -15.20 6.77 -36.69
C TRP A 57 -16.36 6.98 -35.73
N SER A 58 -17.57 6.83 -36.26
CA SER A 58 -18.76 6.82 -35.43
C SER A 58 -19.04 5.40 -34.96
N VAL A 59 -19.70 5.28 -33.81
CA VAL A 59 -20.03 3.96 -33.30
C VAL A 59 -20.92 3.21 -34.30
N GLU A 60 -21.76 3.93 -35.03
CA GLU A 60 -22.59 3.28 -36.03
C GLU A 60 -21.75 2.67 -37.14
N ASP A 61 -20.70 3.38 -37.58
CA ASP A 61 -19.82 2.83 -38.61
C ASP A 61 -19.05 1.63 -38.09
N ILE A 62 -18.55 1.72 -36.85
CA ILE A 62 -17.85 0.59 -36.25
C ILE A 62 -18.77 -0.63 -36.20
N VAL A 63 -20.02 -0.42 -35.80
CA VAL A 63 -20.97 -1.53 -35.72
C VAL A 63 -21.25 -2.10 -37.11
N LYS A 64 -21.39 -1.22 -38.11
CA LYS A 64 -21.66 -1.69 -39.47
C LYS A 64 -20.49 -2.51 -39.99
N GLY A 65 -19.27 -2.12 -39.63
CA GLY A 65 -18.11 -2.87 -40.09
C GLY A 65 -17.93 -4.19 -39.37
N ILE A 66 -18.16 -4.20 -38.06
CA ILE A 66 -17.98 -5.43 -37.29
C ILE A 66 -19.11 -6.43 -37.59
N ASN A 67 -20.30 -5.93 -37.92
CA ASN A 67 -21.41 -6.81 -38.26
C ASN A 67 -21.36 -7.28 -39.71
N SER A 68 -20.36 -6.87 -40.49
CA SER A 68 -20.18 -7.42 -41.82
C SER A 68 -19.62 -8.84 -41.73
N ASN A 69 -19.65 -9.55 -42.86
CA ASN A 69 -19.06 -10.87 -42.97
C ASN A 69 -17.73 -10.82 -43.70
N ASN A 70 -16.95 -9.75 -43.47
CA ASN A 70 -15.67 -9.53 -44.12
C ASN A 70 -14.63 -9.32 -43.02
N LEU A 71 -13.74 -10.30 -42.84
CA LEU A 71 -12.78 -10.22 -41.74
C LEU A 71 -11.93 -8.96 -41.82
N GLU A 72 -11.64 -8.48 -43.03
CA GLU A 72 -10.83 -7.27 -43.16
C GLU A 72 -11.62 -6.03 -42.78
N SER A 73 -12.89 -5.96 -43.20
CA SER A 73 -13.74 -4.86 -42.75
C SER A 73 -13.93 -4.90 -41.24
N GLN A 74 -14.13 -6.10 -40.68
CA GLN A 74 -14.24 -6.23 -39.23
C GLN A 74 -12.96 -5.77 -38.54
N LEU A 75 -11.80 -6.10 -39.13
CA LEU A 75 -10.53 -5.68 -38.54
C LEU A 75 -10.40 -4.16 -38.54
N GLN A 76 -10.75 -3.52 -39.66
CA GLN A 76 -10.68 -2.07 -39.72
C GLN A 76 -11.64 -1.43 -38.73
N ALA A 77 -12.85 -1.99 -38.61
CA ALA A 77 -13.81 -1.44 -37.66
C ALA A 77 -13.33 -1.63 -36.22
N THR A 78 -12.72 -2.77 -35.92
CA THR A 78 -12.20 -3.01 -34.58
C THR A 78 -11.06 -2.06 -34.26
N GLN A 79 -10.19 -1.79 -35.25
CA GLN A 79 -9.12 -0.82 -35.03
C GLN A 79 -9.69 0.58 -34.82
N ALA A 80 -10.75 0.93 -35.55
CA ALA A 80 -11.41 2.19 -35.31
C ALA A 80 -11.94 2.26 -33.88
N ALA A 81 -12.56 1.17 -33.41
CA ALA A 81 -13.04 1.13 -32.04
C ALA A 81 -11.89 1.31 -31.05
N ARG A 82 -10.77 0.65 -31.31
CA ARG A 82 -9.60 0.78 -30.43
C ARG A 82 -9.15 2.24 -30.37
N LYS A 83 -8.96 2.86 -31.53
CA LYS A 83 -8.54 4.26 -31.56
C LYS A 83 -9.56 5.15 -30.84
N LEU A 84 -10.84 4.83 -30.97
CA LEU A 84 -11.87 5.62 -30.27
C LEU A 84 -11.73 5.48 -28.76
N LEU A 85 -11.53 4.25 -28.29
CA LEU A 85 -11.40 3.99 -26.85
C LEU A 85 -10.02 4.31 -26.31
N SER A 86 -9.06 4.64 -27.18
CA SER A 86 -7.72 5.03 -26.75
C SER A 86 -7.57 6.54 -26.58
N ARG A 87 -8.68 7.29 -26.62
CA ARG A 87 -8.63 8.74 -26.51
C ARG A 87 -8.74 9.14 -25.04
N GLU A 88 -7.87 10.07 -24.63
CA GLU A 88 -7.82 10.48 -23.23
C GLU A 88 -9.08 11.23 -22.80
N LYS A 89 -9.77 11.85 -23.75
CA LYS A 89 -10.90 12.74 -23.45
C LYS A 89 -12.20 11.98 -23.67
N GLN A 90 -12.80 11.53 -22.57
CA GLN A 90 -14.12 10.90 -22.57
C GLN A 90 -14.25 9.83 -23.65
N PRO A 91 -13.55 8.71 -23.51
CA PRO A 91 -13.74 7.59 -24.45
C PRO A 91 -15.15 7.05 -24.35
N PRO A 92 -15.82 6.81 -25.49
CA PRO A 92 -17.23 6.39 -25.44
C PRO A 92 -17.39 4.92 -25.08
N ILE A 93 -17.00 4.57 -23.87
CA ILE A 93 -17.07 3.18 -23.42
C ILE A 93 -18.52 2.71 -23.39
N ASP A 94 -19.41 3.49 -22.75
CA ASP A 94 -20.79 3.07 -22.60
C ASP A 94 -21.48 2.94 -23.95
N ASN A 95 -21.16 3.82 -24.90
CA ASN A 95 -21.73 3.70 -26.24
C ASN A 95 -21.30 2.39 -26.90
N ILE A 96 -20.02 2.04 -26.78
CA ILE A 96 -19.53 0.80 -27.36
C ILE A 96 -20.23 -0.39 -26.71
N ILE A 97 -20.42 -0.34 -25.39
CA ILE A 97 -21.08 -1.45 -24.70
C ILE A 97 -22.52 -1.58 -25.18
N ARG A 98 -23.26 -0.46 -25.18
CA ARG A 98 -24.64 -0.50 -25.63
C ARG A 98 -24.75 -1.05 -27.05
N ALA A 99 -23.77 -0.75 -27.90
CA ALA A 99 -23.78 -1.25 -29.26
C ALA A 99 -23.73 -2.77 -29.31
N GLY A 100 -23.35 -3.43 -28.21
CA GLY A 100 -23.26 -4.87 -28.19
C GLY A 100 -22.01 -5.42 -28.82
N LEU A 101 -20.89 -4.69 -28.74
CA LEU A 101 -19.67 -5.07 -29.43
C LEU A 101 -18.74 -5.93 -28.60
N ILE A 102 -18.90 -5.95 -27.27
CA ILE A 102 -18.01 -6.75 -26.43
C ILE A 102 -18.01 -8.21 -26.84
N PRO A 103 -19.16 -8.86 -27.08
CA PRO A 103 -19.11 -10.26 -27.51
C PRO A 103 -18.35 -10.47 -28.81
N LYS A 104 -18.49 -9.54 -29.76
CA LYS A 104 -17.77 -9.68 -31.03
C LYS A 104 -16.27 -9.53 -30.82
N PHE A 105 -15.86 -8.59 -29.97
CA PHE A 105 -14.43 -8.45 -29.66
C PHE A 105 -13.91 -9.71 -28.98
N VAL A 106 -14.68 -10.28 -28.05
CA VAL A 106 -14.24 -11.48 -27.36
C VAL A 106 -14.11 -12.64 -28.33
N SER A 107 -15.02 -12.72 -29.30
CA SER A 107 -14.90 -13.76 -30.33
C SER A 107 -13.67 -13.53 -31.20
N PHE A 108 -13.40 -12.27 -31.55
CA PHE A 108 -12.22 -11.96 -32.35
C PHE A 108 -10.94 -12.34 -31.60
N LEU A 109 -10.96 -12.25 -30.27
CA LEU A 109 -9.79 -12.65 -29.49
C LEU A 109 -9.33 -14.07 -29.82
N GLY A 110 -10.23 -14.92 -30.32
CA GLY A 110 -9.90 -16.29 -30.63
C GLY A 110 -9.51 -16.56 -32.07
N LYS A 111 -9.42 -15.53 -32.91
CA LYS A 111 -9.05 -15.72 -34.32
C LYS A 111 -7.53 -15.70 -34.44
N THR A 112 -6.93 -16.86 -34.17
CA THR A 112 -5.48 -16.98 -34.27
C THR A 112 -5.01 -16.79 -35.71
N ASP A 113 -5.86 -17.12 -36.69
CA ASP A 113 -5.49 -16.91 -38.08
C ASP A 113 -5.27 -15.44 -38.42
N CYS A 114 -5.88 -14.52 -37.65
CA CYS A 114 -5.74 -13.08 -37.87
C CYS A 114 -5.28 -12.46 -36.55
N SER A 115 -3.97 -12.48 -36.32
CA SER A 115 -3.43 -11.89 -35.10
C SER A 115 -3.69 -10.40 -34.99
N PRO A 116 -3.74 -9.61 -36.07
CA PRO A 116 -4.01 -8.17 -35.90
C PRO A 116 -5.35 -7.89 -35.24
N ILE A 117 -6.40 -8.61 -35.62
CA ILE A 117 -7.70 -8.37 -35.00
C ILE A 117 -7.69 -8.84 -33.57
N GLN A 118 -6.94 -9.91 -33.26
CA GLN A 118 -6.74 -10.30 -31.87
C GLN A 118 -6.16 -9.14 -31.06
N PHE A 119 -5.10 -8.51 -31.58
CA PHE A 119 -4.46 -7.42 -30.85
C PHE A 119 -5.40 -6.24 -30.69
N GLU A 120 -6.09 -5.86 -31.76
CA GLU A 120 -6.98 -4.70 -31.70
C GLU A 120 -8.13 -4.95 -30.73
N SER A 121 -8.70 -6.16 -30.75
CA SER A 121 -9.78 -6.48 -29.83
C SER A 121 -9.28 -6.51 -28.39
N ALA A 122 -8.09 -7.07 -28.17
CA ALA A 122 -7.51 -7.07 -26.83
C ALA A 122 -7.33 -5.66 -26.31
N TRP A 123 -6.81 -4.77 -27.15
CA TRP A 123 -6.62 -3.37 -26.77
C TRP A 123 -7.95 -2.70 -26.43
N ALA A 124 -8.96 -2.89 -27.29
CA ALA A 124 -10.25 -2.27 -27.05
C ALA A 124 -10.88 -2.77 -25.75
N LEU A 125 -10.92 -4.10 -25.57
CA LEU A 125 -11.49 -4.66 -24.36
C LEU A 125 -10.68 -4.28 -23.12
N THR A 126 -9.37 -4.13 -23.29
CA THR A 126 -8.54 -3.63 -22.19
C THR A 126 -8.99 -2.26 -21.74
N ASN A 127 -9.25 -1.38 -22.71
CA ASN A 127 -9.67 -0.02 -22.35
C ASN A 127 -11.12 0.04 -21.88
N ILE A 128 -11.94 -0.94 -22.24
CA ILE A 128 -13.29 -1.00 -21.65
C ILE A 128 -13.22 -1.52 -20.22
N ALA A 129 -12.31 -2.48 -19.96
CA ALA A 129 -12.15 -3.01 -18.62
C ALA A 129 -11.38 -2.07 -17.71
N SER A 130 -10.81 -0.99 -18.24
CA SER A 130 -10.07 -0.03 -17.43
C SER A 130 -10.98 0.96 -16.72
N GLY A 131 -12.29 0.92 -16.96
CA GLY A 131 -13.19 1.92 -16.44
C GLY A 131 -13.92 1.51 -15.18
N THR A 132 -15.23 1.69 -15.18
CA THR A 132 -16.04 1.44 -13.99
C THR A 132 -16.18 -0.06 -13.73
N SER A 133 -16.61 -0.40 -12.52
CA SER A 133 -16.88 -1.81 -12.21
C SER A 133 -17.96 -2.38 -13.11
N GLU A 134 -18.93 -1.54 -13.52
CA GLU A 134 -19.97 -2.01 -14.43
C GLU A 134 -19.40 -2.30 -15.81
N GLN A 135 -18.48 -1.46 -16.29
CA GLN A 135 -17.86 -1.68 -17.60
C GLN A 135 -16.93 -2.89 -17.58
N THR A 136 -16.13 -3.02 -16.52
CA THR A 136 -15.30 -4.21 -16.35
C THR A 136 -16.17 -5.46 -16.25
N LYS A 137 -17.31 -5.36 -15.58
CA LYS A 137 -18.23 -6.50 -15.50
C LYS A 137 -18.81 -6.83 -16.87
N ALA A 138 -19.08 -5.81 -17.69
CA ALA A 138 -19.51 -6.07 -19.05
C ALA A 138 -18.46 -6.86 -19.81
N VAL A 139 -17.19 -6.47 -19.66
CA VAL A 139 -16.11 -7.21 -20.31
C VAL A 139 -16.10 -8.67 -19.81
N VAL A 140 -16.21 -8.86 -18.50
CA VAL A 140 -16.12 -10.20 -17.94
C VAL A 140 -17.31 -11.06 -18.38
N ASP A 141 -18.50 -10.46 -18.45
CA ASP A 141 -19.70 -11.20 -18.84
C ASP A 141 -19.63 -11.68 -20.28
N GLY A 142 -18.84 -11.03 -21.13
CA GLY A 142 -18.64 -11.50 -22.49
C GLY A 142 -17.80 -12.76 -22.61
N GLY A 143 -17.25 -13.25 -21.50
CA GLY A 143 -16.39 -14.41 -21.55
C GLY A 143 -14.95 -14.10 -21.91
N ALA A 144 -14.46 -12.90 -21.56
CA ALA A 144 -13.14 -12.47 -21.98
C ALA A 144 -12.01 -13.06 -21.15
N ILE A 145 -12.29 -13.52 -19.94
CA ILE A 145 -11.22 -14.01 -19.05
C ILE A 145 -10.54 -15.22 -19.66
N PRO A 146 -11.27 -16.29 -20.00
CA PRO A 146 -10.59 -17.44 -20.62
C PRO A 146 -9.95 -17.12 -21.96
N ALA A 147 -10.56 -16.24 -22.75
CA ALA A 147 -9.95 -15.86 -24.02
C ALA A 147 -8.61 -15.17 -23.82
N PHE A 148 -8.54 -14.26 -22.85
CA PHE A 148 -7.27 -13.58 -22.57
C PHE A 148 -6.26 -14.55 -21.99
N ILE A 149 -6.70 -15.47 -21.13
CA ILE A 149 -5.76 -16.44 -20.58
C ILE A 149 -5.21 -17.33 -21.69
N SER A 150 -6.02 -17.64 -22.70
CA SER A 150 -5.52 -18.36 -23.87
C SER A 150 -4.53 -17.51 -24.66
N LEU A 151 -4.84 -16.23 -24.84
CA LEU A 151 -3.93 -15.35 -25.57
C LEU A 151 -2.60 -15.19 -24.86
N LEU A 152 -2.57 -15.40 -23.54
CA LEU A 152 -1.31 -15.31 -22.82
C LEU A 152 -0.22 -16.18 -23.46
N ALA A 153 -0.61 -17.26 -24.13
CA ALA A 153 0.32 -18.16 -24.80
C ALA A 153 0.55 -17.80 -26.26
N SER A 154 0.26 -16.56 -26.66
CA SER A 154 0.40 -16.19 -28.06
C SER A 154 1.88 -16.07 -28.43
N PRO A 155 2.27 -16.49 -29.63
CA PRO A 155 3.66 -16.28 -30.07
C PRO A 155 4.01 -14.83 -30.32
N HIS A 156 3.01 -13.97 -30.52
CA HIS A 156 3.25 -12.54 -30.73
C HIS A 156 3.28 -11.86 -29.37
N ALA A 157 4.40 -11.21 -29.06
CA ALA A 157 4.58 -10.65 -27.73
C ALA A 157 3.59 -9.53 -27.44
N HIS A 158 3.21 -8.75 -28.45
CA HIS A 158 2.32 -7.62 -28.18
C HIS A 158 0.92 -8.10 -27.79
N ILE A 159 0.46 -9.20 -28.39
CA ILE A 159 -0.85 -9.74 -28.04
C ILE A 159 -0.85 -10.29 -26.61
N SER A 160 0.19 -11.04 -26.25
CA SER A 160 0.28 -11.55 -24.89
CA SER A 160 0.29 -11.56 -24.90
C SER A 160 0.39 -10.42 -23.88
N GLU A 161 1.11 -9.36 -24.24
CA GLU A 161 1.21 -8.20 -23.36
C GLU A 161 -0.16 -7.56 -23.16
N GLN A 162 -0.93 -7.42 -24.24
CA GLN A 162 -2.26 -6.82 -24.11
C GLN A 162 -3.18 -7.71 -23.28
N ALA A 163 -3.02 -9.03 -23.40
CA ALA A 163 -3.81 -9.94 -22.57
C ALA A 163 -3.45 -9.80 -21.10
N VAL A 164 -2.15 -9.68 -20.81
CA VAL A 164 -1.72 -9.43 -19.43
C VAL A 164 -2.34 -8.14 -18.91
N TRP A 165 -2.32 -7.09 -19.73
CA TRP A 165 -2.88 -5.80 -19.34
C TRP A 165 -4.38 -5.93 -19.04
N ALA A 166 -5.11 -6.60 -19.92
CA ALA A 166 -6.55 -6.76 -19.74
C ALA A 166 -6.86 -7.53 -18.46
N LEU A 167 -6.14 -8.64 -18.24
CA LEU A 167 -6.37 -9.43 -17.03
C LEU A 167 -6.02 -8.64 -15.78
N GLY A 168 -4.99 -7.79 -15.86
CA GLY A 168 -4.70 -6.91 -14.75
C GLY A 168 -5.82 -5.94 -14.45
N ASN A 169 -6.41 -5.35 -15.50
CA ASN A 169 -7.54 -4.46 -15.29
C ASN A 169 -8.73 -5.20 -14.67
N ILE A 170 -8.96 -6.45 -15.10
CA ILE A 170 -10.09 -7.21 -14.57
C ILE A 170 -9.87 -7.56 -13.11
N ALA A 171 -8.65 -7.99 -12.76
CA ALA A 171 -8.38 -8.39 -11.38
C ALA A 171 -8.31 -7.16 -10.46
N GLY A 172 -7.93 -6.00 -10.99
CA GLY A 172 -7.89 -4.80 -10.18
C GLY A 172 -9.25 -4.26 -9.78
N ASP A 173 -10.33 -4.75 -10.40
CA ASP A 173 -11.66 -4.28 -10.05
C ASP A 173 -11.99 -4.61 -8.60
N GLY A 174 -11.52 -5.75 -8.12
CA GLY A 174 -11.83 -6.17 -6.76
C GLY A 174 -11.50 -7.63 -6.54
N SER A 175 -11.76 -8.08 -5.31
CA SER A 175 -11.40 -9.43 -4.92
C SER A 175 -12.18 -10.48 -5.70
N ALA A 176 -13.42 -10.19 -6.08
CA ALA A 176 -14.25 -11.17 -6.77
C ALA A 176 -13.67 -11.50 -8.14
N PHE A 177 -13.49 -10.48 -8.98
CA PHE A 177 -12.92 -10.72 -10.30
C PHE A 177 -11.48 -11.20 -10.21
N ARG A 178 -10.75 -10.77 -9.19
CA ARG A 178 -9.40 -11.29 -8.98
C ARG A 178 -9.44 -12.80 -8.78
N ASP A 179 -10.25 -13.27 -7.83
CA ASP A 179 -10.33 -14.70 -7.57
C ASP A 179 -10.91 -15.46 -8.75
N LEU A 180 -11.75 -14.80 -9.56
CA LEU A 180 -12.27 -15.47 -10.76
C LEU A 180 -11.17 -15.64 -11.80
N VAL A 181 -10.37 -14.59 -12.02
CA VAL A 181 -9.22 -14.70 -12.92
C VAL A 181 -8.30 -15.82 -12.45
N ILE A 182 -8.11 -15.93 -11.13
CA ILE A 182 -7.25 -16.98 -10.61
C ILE A 182 -7.87 -18.36 -10.85
N LYS A 183 -9.19 -18.47 -10.65
CA LYS A 183 -9.85 -19.75 -10.89
C LYS A 183 -9.75 -20.18 -12.34
N HIS A 184 -9.76 -19.23 -13.27
CA HIS A 184 -9.60 -19.57 -14.68
C HIS A 184 -8.18 -20.00 -15.04
N GLY A 185 -7.23 -19.89 -14.10
CA GLY A 185 -5.91 -20.44 -14.30
C GLY A 185 -4.92 -19.52 -14.99
N ALA A 186 -4.92 -18.24 -14.60
CA ALA A 186 -4.04 -17.27 -15.25
C ALA A 186 -2.64 -17.28 -14.64
N ILE A 187 -2.51 -17.70 -13.38
CA ILE A 187 -1.23 -17.57 -12.69
C ILE A 187 -0.16 -18.41 -13.37
N ASP A 188 -0.50 -19.64 -13.78
CA ASP A 188 0.50 -20.50 -14.41
C ASP A 188 1.09 -19.85 -15.66
N PRO A 189 0.29 -19.48 -16.68
CA PRO A 189 0.89 -18.84 -17.86
C PRO A 189 1.53 -17.49 -17.55
N LEU A 190 0.94 -16.70 -16.64
CA LEU A 190 1.54 -15.44 -16.27
C LEU A 190 2.97 -15.64 -15.77
N LEU A 191 3.15 -16.55 -14.80
CA LEU A 191 4.49 -16.80 -14.28
C LEU A 191 5.39 -17.45 -15.33
N ALA A 192 4.82 -18.30 -16.19
CA ALA A 192 5.62 -18.91 -17.25
C ALA A 192 6.22 -17.84 -18.15
N LEU A 193 5.48 -16.74 -18.38
CA LEU A 193 6.02 -15.64 -19.18
C LEU A 193 7.28 -15.06 -18.55
N LEU A 194 7.51 -15.29 -17.26
CA LEU A 194 8.68 -14.77 -16.56
C LEU A 194 9.73 -15.83 -16.27
N ALA A 195 9.55 -17.05 -16.79
CA ALA A 195 10.48 -18.15 -16.55
C ALA A 195 11.67 -18.02 -17.51
N VAL A 196 12.53 -17.05 -17.19
CA VAL A 196 13.72 -16.78 -18.00
C VAL A 196 14.93 -16.71 -17.08
N PRO A 197 16.12 -17.10 -17.54
CA PRO A 197 17.30 -16.99 -16.67
C PRO A 197 17.57 -15.59 -16.17
N ASP A 198 17.35 -14.57 -17.01
CA ASP A 198 17.61 -13.18 -16.63
C ASP A 198 16.46 -12.31 -17.13
N LEU A 199 15.78 -11.65 -16.19
CA LEU A 199 14.66 -10.78 -16.54
C LEU A 199 15.08 -9.65 -17.47
N SER A 200 16.37 -9.28 -17.48
CA SER A 200 16.81 -8.15 -18.28
C SER A 200 16.64 -8.39 -19.78
N THR A 201 16.48 -9.64 -20.20
CA THR A 201 16.29 -9.93 -21.61
C THR A 201 14.87 -9.63 -22.09
N LEU A 202 13.92 -9.46 -21.17
CA LEU A 202 12.56 -9.13 -21.55
C LEU A 202 12.43 -7.63 -21.82
N ALA A 203 11.43 -7.28 -22.63
CA ALA A 203 11.17 -5.88 -22.93
C ALA A 203 10.72 -5.14 -21.68
N CYS A 204 11.11 -3.88 -21.58
CA CYS A 204 10.80 -3.08 -20.39
C CYS A 204 9.30 -3.03 -20.15
N GLY A 205 8.55 -2.55 -21.15
CA GLY A 205 7.10 -2.43 -20.97
C GLY A 205 6.44 -3.77 -20.69
N TYR A 206 6.90 -4.82 -21.37
CA TYR A 206 6.36 -6.15 -21.13
C TYR A 206 6.52 -6.56 -19.67
N LEU A 207 7.74 -6.44 -19.14
CA LEU A 207 8.00 -6.82 -17.76
C LEU A 207 7.22 -5.94 -16.79
N ARG A 208 7.11 -4.65 -17.10
CA ARG A 208 6.37 -3.74 -16.21
C ARG A 208 4.90 -4.10 -16.15
N ASN A 209 4.30 -4.38 -17.31
CA ASN A 209 2.89 -4.77 -17.33
C ASN A 209 2.67 -6.08 -16.60
N LEU A 210 3.58 -7.06 -16.80
CA LEU A 210 3.44 -8.33 -16.08
C LEU A 210 3.55 -8.13 -14.58
N THR A 211 4.52 -7.32 -14.14
CA THR A 211 4.69 -7.06 -12.72
C THR A 211 3.46 -6.38 -12.14
N TRP A 212 2.87 -5.44 -12.87
CA TRP A 212 1.70 -4.72 -12.37
C TRP A 212 0.48 -5.63 -12.31
N THR A 213 0.29 -6.48 -13.31
CA THR A 213 -0.82 -7.43 -13.27
C THR A 213 -0.66 -8.42 -12.11
N LEU A 214 0.56 -8.89 -11.88
CA LEU A 214 0.81 -9.75 -10.72
C LEU A 214 0.51 -9.02 -9.42
N SER A 215 0.89 -7.73 -9.35
CA SER A 215 0.59 -6.95 -8.15
C SER A 215 -0.91 -6.88 -7.91
N ASN A 216 -1.69 -6.71 -8.98
CA ASN A 216 -3.14 -6.66 -8.82
C ASN A 216 -3.72 -8.03 -8.44
N LEU A 217 -3.06 -9.12 -8.85
CA LEU A 217 -3.49 -10.43 -8.36
C LEU A 217 -3.12 -10.66 -6.90
N CYS A 218 -2.27 -9.80 -6.31
CA CYS A 218 -1.96 -9.84 -4.90
C CYS A 218 -2.74 -8.82 -4.09
N ARG A 219 -3.57 -8.01 -4.75
CA ARG A 219 -4.15 -6.81 -4.18
C ARG A 219 -5.56 -7.07 -3.68
N ASN A 220 -6.07 -6.11 -2.89
CA ASN A 220 -7.42 -6.14 -2.34
C ASN A 220 -7.56 -7.21 -1.27
N LYS A 221 -8.45 -6.95 -0.30
CA LYS A 221 -8.70 -7.86 0.81
C LYS A 221 -10.20 -8.00 0.99
N ASN A 222 -10.59 -8.82 1.97
CA ASN A 222 -11.99 -9.14 2.22
C ASN A 222 -12.59 -9.78 0.96
N PRO A 223 -12.13 -10.98 0.60
CA PRO A 223 -11.06 -11.76 1.22
C PRO A 223 -9.70 -11.45 0.63
N ALA A 224 -8.62 -11.74 1.34
CA ALA A 224 -7.30 -11.65 0.77
C ALA A 224 -7.14 -12.73 -0.30
N PRO A 225 -6.14 -12.61 -1.17
CA PRO A 225 -5.96 -13.61 -2.24
C PRO A 225 -5.83 -15.01 -1.67
N PRO A 226 -6.11 -16.04 -2.47
CA PRO A 226 -5.98 -17.41 -1.96
C PRO A 226 -4.55 -17.73 -1.54
N LEU A 227 -4.42 -18.48 -0.45
CA LEU A 227 -3.09 -18.79 0.08
C LEU A 227 -2.24 -19.50 -0.97
N ASP A 228 -2.80 -20.51 -1.65
CA ASP A 228 -2.02 -21.24 -2.63
C ASP A 228 -1.55 -20.32 -3.76
N ALA A 229 -2.39 -19.35 -4.14
CA ALA A 229 -1.99 -18.42 -5.20
C ALA A 229 -0.86 -17.52 -4.74
N VAL A 230 -0.93 -17.03 -3.49
CA VAL A 230 0.15 -16.20 -2.96
C VAL A 230 1.45 -16.99 -2.91
N GLU A 231 1.38 -18.25 -2.47
CA GLU A 231 2.58 -19.08 -2.43
C GLU A 231 3.12 -19.32 -3.83
N GLN A 232 2.22 -19.47 -4.81
CA GLN A 232 2.64 -19.64 -6.21
C GLN A 232 3.38 -18.41 -6.71
N ILE A 233 2.88 -17.22 -6.35
CA ILE A 233 3.40 -15.99 -6.92
C ILE A 233 4.63 -15.44 -6.20
N LEU A 234 4.81 -15.77 -4.91
CA LEU A 234 5.84 -15.09 -4.13
C LEU A 234 7.24 -15.20 -4.71
N PRO A 235 7.72 -16.37 -5.14
CA PRO A 235 9.11 -16.44 -5.65
C PRO A 235 9.38 -15.50 -6.81
N THR A 236 8.46 -15.43 -7.77
CA THR A 236 8.60 -14.48 -8.86
C THR A 236 8.57 -13.05 -8.32
N LEU A 237 7.78 -12.79 -7.27
CA LEU A 237 7.79 -11.46 -6.68
C LEU A 237 9.15 -11.13 -6.10
N VAL A 238 9.81 -12.11 -5.46
CA VAL A 238 11.16 -11.87 -4.95
C VAL A 238 12.11 -11.57 -6.09
N ARG A 239 12.06 -12.39 -7.14
N ARG A 239 12.07 -12.40 -7.14
CA ARG A 239 12.88 -12.14 -8.32
CA ARG A 239 12.87 -12.14 -8.33
C ARG A 239 12.70 -10.69 -8.81
C ARG A 239 12.70 -10.70 -8.78
N LEU A 240 11.45 -10.27 -8.98
CA LEU A 240 11.19 -8.92 -9.46
C LEU A 240 11.68 -7.88 -8.46
N LEU A 241 11.54 -8.16 -7.16
CA LEU A 241 12.02 -7.25 -6.14
C LEU A 241 13.52 -7.05 -6.23
N HIS A 242 14.24 -8.01 -6.81
CA HIS A 242 15.67 -7.86 -7.04
C HIS A 242 15.99 -7.38 -8.45
N HIS A 243 15.01 -6.87 -9.18
CA HIS A 243 15.24 -6.31 -10.50
C HIS A 243 15.75 -4.87 -10.37
N ASN A 244 16.23 -4.32 -11.48
CA ASN A 244 16.88 -3.00 -11.49
C ASN A 244 16.03 -1.91 -12.11
N ASP A 245 14.82 -2.22 -12.57
CA ASP A 245 13.95 -1.20 -13.16
C ASP A 245 13.10 -0.57 -12.06
N PRO A 246 13.16 0.75 -11.87
CA PRO A 246 12.40 1.34 -10.76
C PRO A 246 10.91 1.10 -10.82
N GLU A 247 10.30 1.03 -12.01
CA GLU A 247 8.88 0.75 -12.10
C GLU A 247 8.57 -0.67 -11.61
N VAL A 248 9.37 -1.64 -12.05
CA VAL A 248 9.19 -3.01 -11.59
C VAL A 248 9.36 -3.08 -10.08
N LEU A 249 10.37 -2.38 -9.55
CA LEU A 249 10.60 -2.39 -8.11
C LEU A 249 9.43 -1.79 -7.36
N ALA A 250 8.88 -0.68 -7.86
CA ALA A 250 7.74 -0.05 -7.18
C ALA A 250 6.53 -0.96 -7.19
N ASP A 251 6.24 -1.58 -8.33
CA ASP A 251 5.07 -2.46 -8.40
C ASP A 251 5.25 -3.70 -7.53
N SER A 252 6.48 -4.24 -7.48
CA SER A 252 6.72 -5.39 -6.62
CA SER A 252 6.73 -5.39 -6.62
C SER A 252 6.60 -5.02 -5.14
N CYS A 253 7.07 -3.82 -4.77
CA CYS A 253 6.90 -3.37 -3.39
C CYS A 253 5.41 -3.18 -3.08
N TRP A 254 4.64 -2.67 -4.04
CA TRP A 254 3.20 -2.57 -3.83
C TRP A 254 2.58 -3.94 -3.62
N ALA A 255 2.99 -4.92 -4.41
CA ALA A 255 2.48 -6.28 -4.25
C ALA A 255 2.81 -6.81 -2.85
N ILE A 256 4.04 -6.61 -2.41
CA ILE A 256 4.44 -7.08 -1.08
C ILE A 256 3.65 -6.35 0.00
N SER A 257 3.37 -5.06 -0.22
CA SER A 257 2.59 -4.30 0.76
C SER A 257 1.16 -4.83 0.83
N TYR A 258 0.57 -5.18 -0.32
CA TYR A 258 -0.74 -5.80 -0.31
C TYR A 258 -0.72 -7.12 0.45
N LEU A 259 0.29 -7.95 0.18
CA LEU A 259 0.33 -9.27 0.80
C LEU A 259 0.62 -9.19 2.30
N THR A 260 1.29 -8.13 2.74
CA THR A 260 1.61 -7.99 4.15
C THR A 260 0.51 -7.28 4.94
N ASP A 261 -0.48 -6.70 4.26
CA ASP A 261 -1.58 -6.00 4.92
C ASP A 261 -2.64 -7.04 5.31
N GLY A 262 -2.47 -7.63 6.50
CA GLY A 262 -3.40 -8.63 6.97
C GLY A 262 -2.91 -9.36 8.20
N PRO A 263 -3.52 -10.51 8.48
CA PRO A 263 -3.14 -11.28 9.69
C PRO A 263 -1.67 -11.65 9.68
N ASN A 264 -1.17 -12.01 10.87
CA ASN A 264 0.25 -12.34 11.01
C ASN A 264 0.64 -13.56 10.19
N GLU A 265 -0.31 -14.39 9.79
CA GLU A 265 0.02 -15.55 8.97
C GLU A 265 0.52 -15.12 7.59
N ARG A 266 -0.18 -14.17 6.97
CA ARG A 266 0.26 -13.65 5.67
C ARG A 266 1.62 -12.96 5.80
N ILE A 267 1.76 -12.11 6.82
CA ILE A 267 3.04 -11.47 7.09
C ILE A 267 4.14 -12.53 7.21
N GLU A 268 3.82 -13.66 7.83
CA GLU A 268 4.82 -14.71 8.00
C GLU A 268 5.16 -15.36 6.67
N MET A 269 4.15 -15.63 5.83
CA MET A 269 4.44 -16.14 4.49
C MET A 269 5.44 -15.24 3.79
N VAL A 270 5.24 -13.92 3.91
CA VAL A 270 6.12 -12.98 3.22
C VAL A 270 7.51 -12.99 3.85
N VAL A 271 7.58 -12.90 5.17
CA VAL A 271 8.87 -12.78 5.85
C VAL A 271 9.72 -14.03 5.67
N LYS A 272 9.08 -15.20 5.59
CA LYS A 272 9.85 -16.44 5.42
C LYS A 272 10.64 -16.46 4.13
N LYS A 273 10.22 -15.69 3.12
CA LYS A 273 10.94 -15.64 1.85
C LYS A 273 12.20 -14.78 1.91
N GLY A 274 12.45 -14.11 3.03
CA GLY A 274 13.67 -13.35 3.19
C GLY A 274 13.73 -12.05 2.44
N VAL A 275 12.59 -11.39 2.23
CA VAL A 275 12.56 -10.14 1.48
C VAL A 275 12.78 -8.91 2.35
N VAL A 276 12.77 -9.06 3.67
CA VAL A 276 12.86 -7.89 4.54
C VAL A 276 14.13 -7.09 4.29
N PRO A 277 15.32 -7.70 4.20
CA PRO A 277 16.51 -6.90 3.90
C PRO A 277 16.40 -6.12 2.60
N GLN A 278 15.85 -6.73 1.55
CA GLN A 278 15.68 -6.01 0.29
C GLN A 278 14.66 -4.89 0.45
N LEU A 279 13.62 -5.13 1.24
CA LEU A 279 12.65 -4.07 1.51
C LEU A 279 13.31 -2.88 2.21
N VAL A 280 14.23 -3.17 3.14
CA VAL A 280 14.93 -2.08 3.83
C VAL A 280 15.86 -1.36 2.86
N LYS A 281 16.56 -2.11 2.01
CA LYS A 281 17.43 -1.47 1.02
C LYS A 281 16.62 -0.52 0.14
N LEU A 282 15.47 -0.98 -0.35
CA LEU A 282 14.62 -0.13 -1.17
C LEU A 282 14.04 1.02 -0.37
N LEU A 283 13.83 0.82 0.94
CA LEU A 283 13.41 1.92 1.81
C LEU A 283 14.41 3.07 1.75
N GLY A 284 15.69 2.75 1.57
CA GLY A 284 16.72 3.75 1.40
C GLY A 284 16.86 4.27 -0.02
N ALA A 285 15.92 3.94 -0.90
CA ALA A 285 15.99 4.38 -2.28
C ALA A 285 15.64 5.85 -2.40
N THR A 286 16.10 6.47 -3.49
CA THR A 286 15.84 7.87 -3.74
C THR A 286 14.50 8.10 -4.45
N GLU A 287 14.02 7.13 -5.22
CA GLU A 287 12.76 7.26 -5.93
C GLU A 287 11.62 7.07 -4.94
N LEU A 288 10.86 8.13 -4.69
CA LEU A 288 9.73 8.03 -3.78
C LEU A 288 8.71 6.97 -4.21
N PRO A 289 8.44 6.76 -5.50
CA PRO A 289 7.48 5.70 -5.89
C PRO A 289 7.90 4.35 -5.37
N ILE A 290 9.17 4.18 -5.05
CA ILE A 290 9.66 2.95 -4.46
C ILE A 290 9.62 3.02 -2.94
N VAL A 291 9.99 4.16 -2.36
CA VAL A 291 10.04 4.27 -0.90
C VAL A 291 8.65 4.11 -0.30
N THR A 292 7.63 4.66 -0.96
CA THR A 292 6.28 4.60 -0.40
C THR A 292 5.80 3.18 -0.17
N PRO A 293 5.75 2.32 -1.19
CA PRO A 293 5.30 0.93 -0.93
C PRO A 293 6.24 0.15 -0.04
N ALA A 294 7.55 0.39 -0.11
CA ALA A 294 8.49 -0.28 0.77
C ALA A 294 8.19 0.06 2.23
N LEU A 295 7.99 1.35 2.52
CA LEU A 295 7.65 1.75 3.89
C LEU A 295 6.31 1.17 4.31
N ARG A 296 5.33 1.15 3.39
CA ARG A 296 4.04 0.55 3.73
C ARG A 296 4.20 -0.92 4.10
N ALA A 297 5.01 -1.66 3.35
CA ALA A 297 5.18 -3.09 3.64
C ALA A 297 5.92 -3.29 4.94
N ILE A 298 6.96 -2.49 5.20
CA ILE A 298 7.67 -2.60 6.47
C ILE A 298 6.73 -2.30 7.64
N GLY A 299 5.92 -1.25 7.51
CA GLY A 299 4.95 -0.95 8.55
C GLY A 299 3.97 -2.08 8.76
N ASN A 300 3.45 -2.65 7.68
CA ASN A 300 2.55 -3.80 7.80
C ASN A 300 3.24 -4.95 8.52
N ILE A 301 4.52 -5.17 8.24
CA ILE A 301 5.22 -6.29 8.86
C ILE A 301 5.39 -6.06 10.35
N VAL A 302 5.61 -4.80 10.76
CA VAL A 302 5.76 -4.52 12.19
C VAL A 302 4.43 -4.45 12.92
N THR A 303 3.30 -4.58 12.21
CA THR A 303 2.01 -4.71 12.88
C THR A 303 1.80 -6.10 13.45
N GLY A 304 2.71 -7.05 13.19
CA GLY A 304 2.53 -8.42 13.60
C GLY A 304 3.27 -8.78 14.88
N THR A 305 3.95 -9.92 14.87
CA THR A 305 4.58 -10.43 16.07
C THR A 305 5.83 -9.63 16.42
N ASP A 306 6.26 -9.76 17.68
CA ASP A 306 7.52 -9.15 18.10
C ASP A 306 8.69 -9.74 17.34
N GLU A 307 8.60 -11.01 16.92
CA GLU A 307 9.70 -11.63 16.20
C GLU A 307 9.77 -11.11 14.76
N GLN A 308 8.61 -10.85 14.14
CA GLN A 308 8.62 -10.24 12.82
C GLN A 308 9.12 -8.80 12.88
N THR A 309 8.67 -8.04 13.88
CA THR A 309 9.21 -6.70 14.08
C THR A 309 10.72 -6.76 14.31
N GLN A 310 11.20 -7.77 15.01
CA GLN A 310 12.62 -7.91 15.23
C GLN A 310 13.36 -8.28 13.94
N LYS A 311 12.71 -9.06 13.07
CA LYS A 311 13.29 -9.31 11.75
C LYS A 311 13.44 -7.99 10.99
N VAL A 312 12.45 -7.11 11.09
CA VAL A 312 12.55 -5.80 10.46
C VAL A 312 13.72 -5.01 11.05
N ILE A 313 13.84 -5.04 12.38
CA ILE A 313 14.90 -4.28 13.04
C ILE A 313 16.28 -4.81 12.64
N ASP A 314 16.43 -6.13 12.60
CA ASP A 314 17.73 -6.73 12.32
C ASP A 314 18.22 -6.38 10.92
N ALA A 315 17.30 -6.14 9.99
CA ALA A 315 17.69 -5.77 8.63
C ALA A 315 18.21 -4.34 8.54
N GLY A 316 18.16 -3.57 9.63
CA GLY A 316 18.68 -2.22 9.62
C GLY A 316 17.68 -1.14 9.27
N ALA A 317 16.38 -1.42 9.39
CA ALA A 317 15.38 -0.45 8.98
C ALA A 317 15.47 0.84 9.77
N LEU A 318 15.76 0.74 11.08
CA LEU A 318 15.73 1.93 11.93
C LEU A 318 16.72 2.99 11.45
N ALA A 319 17.87 2.58 10.91
CA ALA A 319 18.86 3.55 10.44
C ALA A 319 18.31 4.46 9.35
N VAL A 320 17.19 4.09 8.73
CA VAL A 320 16.59 4.90 7.67
C VAL A 320 15.55 5.87 8.20
N PHE A 321 15.09 5.69 9.44
CA PHE A 321 13.99 6.50 9.94
C PHE A 321 14.39 7.92 10.30
N PRO A 322 15.67 8.23 10.55
CA PRO A 322 16.04 9.65 10.69
C PRO A 322 15.62 10.48 9.49
N SER A 323 15.74 9.93 8.28
CA SER A 323 15.28 10.63 7.09
C SER A 323 13.78 10.50 6.90
N LEU A 324 13.23 9.29 7.07
CA LEU A 324 11.80 9.08 6.87
C LEU A 324 10.97 9.97 7.78
N LEU A 325 11.43 10.16 9.02
CA LEU A 325 10.70 10.99 9.98
C LEU A 325 10.89 12.47 9.74
N THR A 326 11.80 12.86 8.82
CA THR A 326 11.93 14.24 8.39
C THR A 326 11.66 14.39 6.90
N ASN A 327 11.02 13.39 6.29
CA ASN A 327 10.81 13.40 4.86
C ASN A 327 9.89 14.54 4.46
N PRO A 328 10.19 15.25 3.37
CA PRO A 328 9.33 16.38 2.97
C PRO A 328 7.91 15.97 2.62
N LYS A 329 7.67 14.72 2.23
CA LYS A 329 6.33 14.27 1.91
C LYS A 329 5.59 13.88 3.18
N THR A 330 4.41 14.47 3.37
CA THR A 330 3.65 14.26 4.60
C THR A 330 3.25 12.80 4.76
N ASN A 331 2.89 12.14 3.67
CA ASN A 331 2.46 10.75 3.75
C ASN A 331 3.60 9.86 4.25
N ILE A 332 4.82 10.10 3.76
CA ILE A 332 5.97 9.33 4.21
C ILE A 332 6.20 9.54 5.70
N GLN A 333 6.13 10.80 6.16
CA GLN A 333 6.32 11.07 7.57
C GLN A 333 5.26 10.37 8.41
N LYS A 334 4.00 10.41 7.97
CA LYS A 334 2.94 9.77 8.74
C LYS A 334 3.14 8.26 8.80
N GLU A 335 3.46 7.64 7.66
CA GLU A 335 3.68 6.20 7.64
C GLU A 335 4.86 5.82 8.53
N ALA A 336 5.95 6.60 8.48
CA ALA A 336 7.12 6.28 9.29
C ALA A 336 6.81 6.44 10.77
N THR A 337 6.06 7.47 11.14
CA THR A 337 5.72 7.65 12.55
C THR A 337 4.76 6.57 13.05
N TRP A 338 3.84 6.11 12.19
CA TRP A 338 2.98 5.00 12.57
C TRP A 338 3.77 3.71 12.73
N THR A 339 4.70 3.43 11.82
CA THR A 339 5.60 2.30 11.99
C THR A 339 6.38 2.42 13.29
N MET A 340 6.86 3.62 13.61
CA MET A 340 7.60 3.82 14.85
C MET A 340 6.72 3.58 16.06
N SER A 341 5.44 3.97 15.97
CA SER A 341 4.53 3.73 17.09
C SER A 341 4.32 2.24 17.30
N ASN A 342 4.18 1.48 16.20
CA ASN A 342 4.03 0.04 16.34
C ASN A 342 5.32 -0.64 16.79
N ILE A 343 6.47 -0.01 16.56
CA ILE A 343 7.71 -0.57 17.07
C ILE A 343 7.87 -0.26 18.56
N THR A 344 7.49 0.94 18.98
CA THR A 344 7.56 1.30 20.40
C THR A 344 6.55 0.52 21.25
N ALA A 345 5.57 -0.12 20.63
CA ALA A 345 4.63 -0.99 21.33
C ALA A 345 5.15 -2.42 21.46
N GLY A 346 6.42 -2.65 21.13
CA GLY A 346 7.01 -3.96 21.19
C GLY A 346 7.79 -4.18 22.48
N ARG A 347 8.76 -5.09 22.41
CA ARG A 347 9.54 -5.47 23.57
C ARG A 347 10.43 -4.32 24.02
N GLN A 348 11.00 -4.48 25.22
CA GLN A 348 11.85 -3.43 25.79
C GLN A 348 13.20 -3.36 25.08
N ASP A 349 13.75 -4.49 24.64
CA ASP A 349 14.98 -4.44 23.86
C ASP A 349 14.75 -3.75 22.53
N GLN A 350 13.53 -3.81 21.99
CA GLN A 350 13.24 -3.12 20.74
C GLN A 350 13.09 -1.62 20.98
N ILE A 351 12.46 -1.22 22.09
CA ILE A 351 12.45 0.19 22.47
C ILE A 351 13.88 0.68 22.67
N GLN A 352 14.75 -0.18 23.22
CA GLN A 352 16.14 0.21 23.42
C GLN A 352 16.86 0.34 22.08
N GLN A 353 16.51 -0.49 21.10
CA GLN A 353 17.07 -0.32 19.76
C GLN A 353 16.61 1.00 19.16
N VAL A 354 15.34 1.36 19.37
CA VAL A 354 14.85 2.67 18.95
C VAL A 354 15.70 3.77 19.57
N VAL A 355 15.97 3.65 20.88
CA VAL A 355 16.78 4.64 21.58
C VAL A 355 18.19 4.71 21.00
N ASN A 356 18.79 3.54 20.75
CA ASN A 356 20.18 3.51 20.31
C ASN A 356 20.37 4.21 18.97
N HIS A 357 19.43 4.02 18.05
CA HIS A 357 19.53 4.67 16.75
C HIS A 357 19.23 6.17 16.81
N GLY A 358 19.03 6.73 18.01
CA GLY A 358 18.80 8.16 18.13
C GLY A 358 17.48 8.63 17.57
N LEU A 359 16.47 7.78 17.58
CA LEU A 359 15.18 8.11 16.97
C LEU A 359 14.24 8.84 17.94
N VAL A 360 14.56 8.87 19.24
CA VAL A 360 13.72 9.57 20.20
C VAL A 360 13.75 11.07 19.90
N PRO A 361 14.92 11.66 19.66
CA PRO A 361 14.93 13.07 19.24
C PRO A 361 14.06 13.34 18.02
N PHE A 362 14.02 12.41 17.06
CA PHE A 362 13.20 12.62 15.87
C PHE A 362 11.72 12.52 16.19
N LEU A 363 11.35 11.63 17.12
CA LEU A 363 9.96 11.60 17.57
C LEU A 363 9.59 12.91 18.28
N VAL A 364 10.50 13.43 19.10
CA VAL A 364 10.26 14.72 19.73
C VAL A 364 10.05 15.80 18.67
N GLY A 365 10.90 15.80 17.64
CA GLY A 365 10.76 16.79 16.59
C GLY A 365 9.43 16.68 15.86
N VAL A 366 9.06 15.46 15.46
CA VAL A 366 7.78 15.26 14.79
C VAL A 366 6.63 15.72 15.68
N LEU A 367 6.74 15.47 16.99
CA LEU A 367 5.70 15.89 17.91
C LEU A 367 5.65 17.41 18.02
N SER A 368 6.79 18.08 17.87
CA SER A 368 6.82 19.53 18.01
C SER A 368 6.30 20.23 16.76
N LYS A 369 6.65 19.73 15.58
CA LYS A 369 6.24 20.34 14.32
C LYS A 369 6.03 19.25 13.30
N ALA A 370 4.80 19.12 12.80
CA ALA A 370 4.45 18.16 11.78
C ALA A 370 2.95 18.26 11.53
N ASP A 371 2.52 17.73 10.38
CA ASP A 371 1.10 17.60 10.11
C ASP A 371 0.41 16.88 11.26
N PHE A 372 -0.82 17.30 11.57
CA PHE A 372 -1.45 16.89 12.82
C PHE A 372 -1.60 15.37 12.90
N LYS A 373 -1.87 14.72 11.77
CA LYS A 373 -2.01 13.26 11.79
C LYS A 373 -0.69 12.59 12.16
N THR A 374 0.41 13.10 11.61
CA THR A 374 1.72 12.60 12.02
C THR A 374 1.96 12.86 13.51
N GLN A 375 1.50 14.01 14.01
CA GLN A 375 1.64 14.30 15.43
C GLN A 375 0.84 13.32 16.28
N LYS A 376 -0.33 12.92 15.80
CA LYS A 376 -1.14 11.95 16.55
C LYS A 376 -0.46 10.58 16.55
N GLU A 377 0.12 10.18 15.41
CA GLU A 377 0.88 8.95 15.38
C GLU A 377 2.08 9.02 16.33
N ALA A 378 2.71 10.20 16.42
CA ALA A 378 3.84 10.36 17.34
C ALA A 378 3.38 10.28 18.78
N ALA A 379 2.23 10.86 19.09
CA ALA A 379 1.67 10.74 20.45
C ALA A 379 1.40 9.28 20.79
N TRP A 380 0.86 8.53 19.84
CA TRP A 380 0.65 7.10 20.06
C TRP A 380 1.98 6.39 20.31
N ALA A 381 3.00 6.72 19.52
CA ALA A 381 4.32 6.13 19.72
C ALA A 381 4.84 6.42 21.11
N ILE A 382 4.66 7.66 21.58
CA ILE A 382 5.14 8.03 22.91
C ILE A 382 4.38 7.27 23.99
N THR A 383 3.06 7.16 23.84
CA THR A 383 2.28 6.45 24.85
C THR A 383 2.68 4.98 24.91
N ASN A 384 2.91 4.35 23.76
CA ASN A 384 3.37 2.96 23.76
C ASN A 384 4.76 2.85 24.39
N TYR A 385 5.65 3.77 24.05
CA TYR A 385 6.99 3.80 24.64
C TYR A 385 6.91 3.85 26.16
N THR A 386 6.07 4.75 26.69
CA THR A 386 5.96 4.90 28.14
C THR A 386 5.21 3.75 28.79
N SER A 387 4.33 3.06 28.04
CA SER A 387 3.60 1.94 28.61
C SER A 387 4.44 0.68 28.67
N GLY A 388 5.32 0.47 27.70
CA GLY A 388 6.11 -0.75 27.65
C GLY A 388 7.57 -0.57 28.00
N GLY A 389 7.99 0.68 28.19
CA GLY A 389 9.39 0.97 28.44
C GLY A 389 9.76 0.86 29.92
N THR A 390 11.07 0.89 30.17
CA THR A 390 11.59 0.87 31.52
C THR A 390 11.58 2.28 32.10
N VAL A 391 11.95 2.40 33.37
CA VAL A 391 12.06 3.71 34.00
C VAL A 391 13.22 4.49 33.40
N GLU A 392 14.35 3.83 33.15
CA GLU A 392 15.49 4.51 32.54
C GLU A 392 15.14 5.04 31.16
N GLN A 393 14.40 4.26 30.38
CA GLN A 393 14.02 4.69 29.04
C GLN A 393 13.07 5.88 29.08
N ILE A 394 12.13 5.88 30.03
CA ILE A 394 11.22 7.01 30.16
C ILE A 394 11.96 8.25 30.63
N VAL A 395 12.96 8.06 31.51
CA VAL A 395 13.78 9.18 31.95
C VAL A 395 14.53 9.76 30.76
N TYR A 396 15.10 8.91 29.91
CA TYR A 396 15.75 9.38 28.70
C TYR A 396 14.77 10.15 27.82
N LEU A 397 13.56 9.60 27.64
CA LEU A 397 12.54 10.28 26.86
C LEU A 397 12.29 11.69 27.39
N VAL A 398 12.14 11.83 28.70
CA VAL A 398 11.91 13.14 29.29
C VAL A 398 13.12 14.05 29.04
N HIS A 399 14.33 13.52 29.22
CA HIS A 399 15.53 14.32 29.01
C HIS A 399 15.70 14.76 27.57
N CYS A 400 15.03 14.09 26.63
CA CYS A 400 15.08 14.51 25.23
C CYS A 400 14.13 15.65 24.90
N GLY A 401 13.29 16.08 25.85
CA GLY A 401 12.45 17.25 25.63
C GLY A 401 11.07 16.92 25.13
N ILE A 402 10.49 15.83 25.64
CA ILE A 402 9.17 15.40 25.17
C ILE A 402 8.05 16.21 25.83
N ILE A 403 8.28 16.70 27.05
CA ILE A 403 7.19 17.22 27.86
C ILE A 403 6.59 18.47 27.24
N GLU A 404 7.41 19.39 26.73
CA GLU A 404 6.88 20.63 26.19
C GLU A 404 5.99 20.39 24.98
N PRO A 405 6.41 19.64 23.95
CA PRO A 405 5.48 19.36 22.84
C PRO A 405 4.30 18.52 23.25
N LEU A 406 4.49 17.56 24.16
CA LEU A 406 3.36 16.78 24.65
C LEU A 406 2.31 17.68 25.28
N MET A 407 2.73 18.68 26.07
CA MET A 407 1.80 19.64 26.62
C MET A 407 1.15 20.47 25.52
N ASN A 408 1.97 21.04 24.63
CA ASN A 408 1.42 21.91 23.59
C ASN A 408 0.36 21.19 22.76
N LEU A 409 0.49 19.88 22.60
CA LEU A 409 -0.50 19.14 21.81
C LEU A 409 -1.78 18.86 22.56
N LEU A 410 -1.86 19.20 23.85
CA LEU A 410 -3.09 18.98 24.61
C LEU A 410 -4.15 20.04 24.34
N SER A 411 -3.88 21.00 23.46
CA SER A 411 -4.86 22.01 23.08
C SER A 411 -5.52 21.70 21.73
N ALA A 412 -5.48 20.45 21.30
CA ALA A 412 -6.05 20.05 20.03
C ALA A 412 -7.53 19.73 20.16
N LYS A 413 -8.25 19.86 19.05
CA LYS A 413 -9.68 19.60 19.00
C LYS A 413 -10.00 18.15 18.63
N ASP A 414 -9.13 17.20 19.00
CA ASP A 414 -9.33 15.78 18.74
C ASP A 414 -9.23 15.03 20.06
N THR A 415 -10.37 14.60 20.60
CA THR A 415 -10.39 14.00 21.93
C THR A 415 -9.38 12.87 22.06
N LYS A 416 -9.21 12.08 20.99
CA LYS A 416 -8.43 10.85 21.08
C LYS A 416 -6.97 11.14 21.40
N ILE A 417 -6.37 12.11 20.70
CA ILE A 417 -4.99 12.48 21.00
C ILE A 417 -4.90 13.01 22.42
N ILE A 418 -5.96 13.65 22.92
CA ILE A 418 -5.96 14.13 24.30
C ILE A 418 -5.84 12.95 25.25
N GLN A 419 -6.67 11.91 25.03
CA GLN A 419 -6.60 10.73 25.87
C GLN A 419 -5.20 10.09 25.80
N VAL A 420 -4.64 10.00 24.60
CA VAL A 420 -3.34 9.35 24.43
C VAL A 420 -2.26 10.12 25.18
N ILE A 421 -2.27 11.45 25.03
CA ILE A 421 -1.26 12.28 25.69
C ILE A 421 -1.40 12.18 27.20
N LEU A 422 -2.64 12.17 27.71
CA LEU A 422 -2.83 12.08 29.15
C LEU A 422 -2.39 10.72 29.69
N ASP A 423 -2.61 9.66 28.91
CA ASP A 423 -2.13 8.34 29.32
C ASP A 423 -0.61 8.31 29.37
N ALA A 424 0.05 8.89 28.37
CA ALA A 424 1.50 8.97 28.40
C ALA A 424 1.98 9.77 29.60
N ILE A 425 1.29 10.88 29.91
CA ILE A 425 1.63 11.68 31.08
C ILE A 425 1.55 10.83 32.34
N SER A 426 0.46 10.08 32.49
CA SER A 426 0.30 9.24 33.68
C SER A 426 1.42 8.21 33.77
N ASN A 427 1.79 7.61 32.64
CA ASN A 427 2.89 6.64 32.66
C ASN A 427 4.19 7.27 33.10
N ILE A 428 4.50 8.47 32.57
CA ILE A 428 5.74 9.13 32.94
C ILE A 428 5.71 9.49 34.43
N PHE A 429 4.55 9.90 34.94
CA PHE A 429 4.45 10.22 36.36
C PHE A 429 4.65 8.99 37.22
N GLN A 430 4.14 7.84 36.78
CA GLN A 430 4.38 6.59 37.48
C GLN A 430 5.86 6.25 37.53
N ALA A 431 6.53 6.35 36.38
CA ALA A 431 7.98 6.12 36.34
C ALA A 431 8.73 7.09 37.23
N ALA A 432 8.22 8.33 37.35
CA ALA A 432 8.84 9.30 38.24
C ALA A 432 8.63 8.92 39.70
N GLU A 433 7.43 8.47 40.05
CA GLU A 433 7.18 7.99 41.40
C GLU A 433 8.17 6.91 41.79
N LYS A 434 8.47 6.00 40.87
CA LYS A 434 9.49 4.98 41.17
C LYS A 434 10.84 5.59 41.50
N LEU A 435 11.08 6.85 41.10
CA LEU A 435 12.32 7.54 41.41
C LEU A 435 12.16 8.63 42.46
N GLY A 436 10.94 8.93 42.89
CA GLY A 436 10.73 10.00 43.84
C GLY A 436 10.93 11.39 43.29
N GLU A 437 10.94 11.54 41.97
CA GLU A 437 11.11 12.83 41.31
C GLU A 437 9.80 13.36 40.75
N THR A 438 8.68 12.92 41.29
CA THR A 438 7.38 13.41 40.83
C THR A 438 7.29 14.92 40.90
N GLU A 439 7.83 15.51 41.97
CA GLU A 439 7.72 16.95 42.16
C GLU A 439 8.45 17.70 41.04
N LYS A 440 9.70 17.33 40.77
CA LYS A 440 10.43 17.97 39.69
C LYS A 440 9.64 17.94 38.39
N LEU A 441 9.08 16.78 38.05
CA LEU A 441 8.24 16.68 36.88
C LEU A 441 7.10 17.69 36.93
N SER A 442 6.27 17.62 37.97
CA SER A 442 5.19 18.57 38.15
C SER A 442 5.64 20.00 37.86
N ILE A 443 6.81 20.37 38.37
CA ILE A 443 7.30 21.73 38.14
C ILE A 443 7.58 21.95 36.66
N MET A 444 8.13 20.93 35.99
CA MET A 444 8.34 21.05 34.54
C MET A 444 7.02 21.29 33.82
N ILE A 445 6.01 20.47 34.13
CA ILE A 445 4.73 20.60 33.45
C ILE A 445 4.14 21.99 33.69
N GLU A 446 4.30 22.51 34.91
CA GLU A 446 3.82 23.86 35.19
C GLU A 446 4.61 24.91 34.40
N GLU A 447 5.93 24.73 34.28
CA GLU A 447 6.76 25.76 33.68
C GLU A 447 6.48 25.94 32.19
N CYS A 448 6.00 24.90 31.52
CA CYS A 448 5.70 24.98 30.09
C CYS A 448 4.21 25.21 29.82
N GLY A 449 3.42 25.49 30.86
CA GLY A 449 2.01 25.74 30.66
C GLY A 449 1.16 24.49 30.54
N GLY A 450 1.59 23.38 31.13
CA GLY A 450 0.87 22.14 31.02
C GLY A 450 -0.24 21.99 32.05
N LEU A 451 0.04 22.41 33.29
CA LEU A 451 -0.97 22.33 34.33
C LEU A 451 -2.22 23.10 33.94
N ASP A 452 -2.05 24.25 33.28
CA ASP A 452 -3.20 24.98 32.75
C ASP A 452 -3.98 24.11 31.77
N LYS A 453 -3.28 23.35 30.92
CA LYS A 453 -3.96 22.48 29.97
C LYS A 453 -4.78 21.43 30.69
N ILE A 454 -4.17 20.75 31.67
CA ILE A 454 -4.87 19.68 32.38
C ILE A 454 -6.06 20.24 33.15
N GLU A 455 -5.90 21.42 33.75
CA GLU A 455 -6.99 22.03 34.50
C GLU A 455 -8.14 22.42 33.58
N ALA A 456 -7.83 23.02 32.42
CA ALA A 456 -8.88 23.34 31.46
C ALA A 456 -9.55 22.09 30.92
N LEU A 457 -8.80 20.98 30.83
CA LEU A 457 -9.40 19.74 30.35
C LEU A 457 -10.30 19.11 31.40
N GLN A 458 -10.04 19.36 32.68
CA GLN A 458 -10.97 18.90 33.71
C GLN A 458 -12.41 19.25 33.35
N ARG A 459 -12.62 20.36 32.65
CA ARG A 459 -13.95 20.76 32.19
C ARG A 459 -14.11 20.45 30.71
N HIS A 460 -13.95 19.17 30.38
CA HIS A 460 -14.06 18.68 29.01
C HIS A 460 -15.29 17.76 28.89
N GLU A 461 -15.72 17.56 27.65
CA GLU A 461 -16.95 16.80 27.40
C GLU A 461 -16.75 15.32 27.70
N ASN A 462 -15.77 14.69 27.05
CA ASN A 462 -15.57 13.26 27.22
C ASN A 462 -15.35 12.92 28.69
N GLU A 463 -15.75 11.70 29.07
CA GLU A 463 -15.65 11.28 30.47
C GLU A 463 -14.21 10.99 30.85
N SER A 464 -13.61 9.98 30.24
CA SER A 464 -12.25 9.58 30.60
C SER A 464 -11.28 10.75 30.56
N VAL A 465 -11.52 11.72 29.67
CA VAL A 465 -10.64 12.88 29.57
C VAL A 465 -10.58 13.62 30.91
N TYR A 466 -11.73 14.15 31.35
CA TYR A 466 -11.73 14.91 32.59
C TYR A 466 -11.41 14.01 33.78
N LYS A 467 -11.75 12.72 33.72
CA LYS A 467 -11.41 11.82 34.81
C LYS A 467 -9.89 11.72 34.98
N ALA A 468 -9.18 11.45 33.88
CA ALA A 468 -7.72 11.35 33.96
C ALA A 468 -7.09 12.68 34.34
N SER A 469 -7.62 13.79 33.80
CA SER A 469 -7.06 15.10 34.15
C SER A 469 -7.21 15.38 35.64
N LEU A 470 -8.40 15.13 36.19
CA LEU A 470 -8.63 15.33 37.62
C LEU A 470 -7.73 14.42 38.44
N ASN A 471 -7.59 13.16 38.04
CA ASN A 471 -6.67 12.26 38.72
C ASN A 471 -5.27 12.86 38.76
N LEU A 472 -4.81 13.39 37.63
CA LEU A 472 -3.47 13.97 37.58
C LEU A 472 -3.34 15.14 38.53
N ILE A 473 -4.26 16.11 38.44
CA ILE A 473 -4.11 17.31 39.25
C ILE A 473 -4.30 17.00 40.74
N GLU A 474 -5.01 15.91 41.06
CA GLU A 474 -5.22 15.56 42.46
C GLU A 474 -4.04 14.78 43.03
N LYS A 475 -3.42 13.93 42.21
CA LYS A 475 -2.34 13.08 42.70
C LYS A 475 -0.97 13.71 42.56
N TYR A 476 -0.82 14.77 41.77
CA TYR A 476 0.48 15.37 41.55
C TYR A 476 0.51 16.90 41.62
N PHE A 477 -0.64 17.56 41.65
CA PHE A 477 -0.67 19.02 41.69
C PHE A 477 -1.62 19.51 42.78
N PRO B 1 0.44 -1.02 25.76
CA PRO B 1 1.19 -1.01 24.50
C PRO B 1 0.62 -1.98 23.47
N LYS B 2 -0.18 -1.47 22.55
CA LYS B 2 -0.86 -2.27 21.55
C LYS B 2 -0.49 -1.82 20.14
N LYS B 3 -0.28 -2.78 19.25
CA LYS B 3 -0.02 -2.47 17.85
C LYS B 3 -1.33 -2.13 17.15
N ARG B 4 -1.37 -0.97 16.51
CA ARG B 4 -2.57 -0.45 15.87
C ARG B 4 -2.47 -0.55 14.36
N PRO B 5 -3.59 -0.51 13.65
CA PRO B 5 -3.57 -0.42 12.19
C PRO B 5 -3.58 1.04 11.74
N ARG B 6 -3.43 1.22 10.44
CA ARG B 6 -3.45 2.56 9.86
C ARG B 6 -4.73 3.31 10.23
N PRO B 16 -2.25 1.86 -9.21
CA PRO B 16 -3.47 2.10 -10.00
C PRO B 16 -4.25 0.81 -10.25
N PRO B 17 -5.45 0.70 -9.69
CA PRO B 17 -6.20 -0.56 -9.87
C PRO B 17 -6.49 -0.88 -11.33
N LYS B 18 -6.74 0.14 -12.15
CA LYS B 18 -7.02 -0.05 -13.57
C LYS B 18 -6.24 0.97 -14.37
N ARG B 19 -5.79 0.55 -15.56
CA ARG B 19 -4.96 1.39 -16.43
C ARG B 19 -5.43 1.29 -17.87
N PRO B 20 -5.80 2.40 -18.51
CA PRO B 20 -6.06 2.36 -19.94
C PRO B 20 -4.78 2.45 -20.74
N ARG B 21 -4.79 1.83 -21.92
CA ARG B 21 -3.70 1.99 -22.88
C ARG B 21 -4.06 3.13 -23.82
N ASN B 22 -3.26 4.19 -23.81
CA ASN B 22 -3.53 5.38 -24.60
C ASN B 22 -2.58 5.47 -25.79
#